data_6HVI
#
_entry.id   6HVI
#
_cell.length_a   103.036
_cell.length_b   103.036
_cell.length_c   255.012
_cell.angle_alpha   90.000
_cell.angle_beta   90.000
_cell.angle_gamma   120.000
#
_symmetry.space_group_name_H-M   'P 65 2 2'
#
loop_
_entity.id
_entity.type
_entity.pdbx_description
1 polymer '6-phosphofructo-2-kinase/fructose-2,6-bisphosphatase 3'
2 non-polymer 8-[3-(dimethylamino)phenyl]-~{N}-(4-methylsulfonylpyridin-3-yl)quinoxalin-6-amine
3 non-polymer 'PYROPHOSPHATE 2-'
4 non-polymer 6-O-phosphono-beta-D-fructofuranose
5 non-polymer 'CITRATE ANION'
6 non-polymer 'DIMETHYL SULFOXIDE'
7 water water
#
_entity_poly.entity_id   1
_entity_poly.type   'polypeptide(L)'
_entity_poly.pdbx_seq_one_letter_code
;MPLELTQSRVQKIWVPVDHRPSLPRSCGPKLTNSPTVIVMVGLPARGKTYISKKLTRYLNWIGVPTKVFNVGEYRREAVK
QYSSYNFFRPDNEEAMKVRKQCALAALRDVKSYLAKEGGQIAVFDATNTTRERRHMILHFAKENDFKAFFIESVCDDPTV
VASNIMEVKISSPDYKDCNSAEAMDDFMKRISCYEASYQPLDPDKCDRDLSLIKVIDVGRRFLVNRVQDHIQSRIVYYLM
NIHVQPRTIYLCRHGENEHNLQGRIGGDSGLSSRGKKFASALSKFVEEQNLKDLRVWTSQLKSTIQTAEALRLPYEQWKA
LNEIDAGVCEELTYEEIRDTYPEEYALREQDKYYYRYPTGESYQDLVQRLEPVIMELERQENVLVICHQAVLRCLLAYFL
DKSAEEMPYLKCPLHTVLKLTPVAYGCRVESIYLNVESVCTHRERSEDAKKGPNPLMRRNSVTPLASPEPTKKPRINSFE
EHVASTSAALPSCLPPEVPTQLPGQNMKGSRSSADSSRKH
;
_entity_poly.pdbx_strand_id   A
#
loop_
_chem_comp.id
_chem_comp.type
_chem_comp.name
_chem_comp.formula
DMS non-polymer 'DIMETHYL SULFOXIDE' 'C2 H6 O S'
F6P D-saccharide, beta linking 6-O-phosphono-beta-D-fructofuranose 'C6 H13 O9 P'
FLC non-polymer 'CITRATE ANION' 'C6 H5 O7 -3'
GV5 non-polymer 8-[3-(dimethylamino)phenyl]-~{N}-(4-methylsulfonylpyridin-3-yl)quinoxalin-6-amine 'C22 H21 N5 O2 S'
POP non-polymer 'PYROPHOSPHATE 2-' 'H2 O7 P2 -2'
#
# COMPACT_ATOMS: atom_id res chain seq x y z
N PRO A 2 2.11 -34.92 20.01
CA PRO A 2 0.83 -35.63 19.65
C PRO A 2 -0.43 -35.11 20.43
N LEU A 3 -0.87 -33.86 20.19
CA LEU A 3 -1.71 -33.13 21.18
C LEU A 3 -3.18 -32.94 20.77
N GLU A 4 -4.06 -32.86 21.78
CA GLU A 4 -5.54 -32.77 21.58
C GLU A 4 -5.91 -31.34 21.23
N LEU A 5 -7.05 -31.13 20.55
CA LEU A 5 -7.28 -29.79 19.94
C LEU A 5 -8.52 -29.02 20.41
N THR A 6 -8.35 -27.70 20.42
CA THR A 6 -9.46 -26.78 20.72
C THR A 6 -9.50 -25.65 19.67
N GLN A 7 -10.70 -25.22 19.28
CA GLN A 7 -10.86 -24.23 18.25
C GLN A 7 -10.89 -22.81 18.86
N SER A 8 -9.93 -21.97 18.49
CA SER A 8 -9.85 -20.63 19.08
C SER A 8 -11.13 -19.85 18.78
N ARG A 9 -11.52 -18.98 19.69
CA ARG A 9 -12.85 -18.32 19.63
C ARG A 9 -12.97 -17.35 18.44
N VAL A 10 -11.99 -16.47 18.30
CA VAL A 10 -12.01 -15.42 17.25
C VAL A 10 -11.69 -15.96 15.83
N GLN A 11 -10.47 -16.44 15.65
CA GLN A 11 -9.97 -16.89 14.32
C GLN A 11 -10.42 -18.31 13.88
N LYS A 12 -10.95 -19.09 14.80
CA LYS A 12 -11.53 -20.38 14.50
C LYS A 12 -10.45 -21.40 14.11
N ILE A 13 -9.28 -21.19 14.67
CA ILE A 13 -8.08 -22.00 14.39
C ILE A 13 -7.93 -23.14 15.42
N TRP A 14 -7.78 -24.36 14.94
CA TRP A 14 -7.59 -25.52 15.82
C TRP A 14 -6.18 -25.55 16.34
N VAL A 15 -6.06 -25.49 17.66
CA VAL A 15 -4.76 -25.47 18.27
C VAL A 15 -4.68 -26.55 19.35
N PRO A 16 -3.47 -27.08 19.54
CA PRO A 16 -3.23 -28.12 20.53
C PRO A 16 -3.33 -27.58 21.96
N VAL A 17 -4.03 -28.30 22.84
CA VAL A 17 -4.00 -27.99 24.29
C VAL A 17 -2.89 -28.77 25.01
N HIS A 19 -2.87 -28.00 28.21
CA HIS A 19 -2.90 -28.58 29.55
C HIS A 19 -1.53 -28.55 30.14
N ARG A 20 -1.01 -27.35 30.44
CA ARG A 20 0.31 -27.27 31.06
C ARG A 20 0.20 -27.46 32.58
N ASN A 33 12.64 -17.64 9.79
CA ASN A 33 12.72 -16.67 8.71
C ASN A 33 13.33 -15.34 9.20
N SER A 34 14.63 -15.17 8.97
CA SER A 34 15.32 -13.93 9.32
C SER A 34 14.64 -12.70 8.71
N PRO A 35 14.45 -11.64 9.53
CA PRO A 35 14.05 -10.31 9.03
C PRO A 35 14.98 -9.80 7.97
N THR A 36 14.51 -8.85 7.16
CA THR A 36 15.25 -8.37 6.02
C THR A 36 15.37 -6.84 6.09
N VAL A 37 16.56 -6.34 5.78
CA VAL A 37 16.79 -4.92 5.58
C VAL A 37 16.84 -4.71 4.09
N ILE A 38 15.90 -3.93 3.59
CA ILE A 38 15.89 -3.49 2.22
C ILE A 38 16.70 -2.18 2.10
N VAL A 39 17.75 -2.22 1.32
CA VAL A 39 18.63 -1.07 1.19
C VAL A 39 18.39 -0.36 -0.13
N MET A 40 17.84 0.85 -0.08
CA MET A 40 17.64 1.63 -1.32
C MET A 40 19.00 2.18 -1.74
N VAL A 41 19.18 2.35 -3.03
CA VAL A 41 20.44 2.81 -3.61
C VAL A 41 20.12 3.72 -4.78
N GLY A 42 20.73 4.91 -4.78
CA GLY A 42 20.71 5.73 -5.97
C GLY A 42 20.88 7.23 -5.73
N LEU A 43 21.12 7.96 -6.82
CA LEU A 43 21.23 9.40 -6.74
C LEU A 43 19.94 10.02 -6.23
N PRO A 44 20.01 11.28 -5.74
CA PRO A 44 18.75 11.87 -5.32
C PRO A 44 17.80 12.06 -6.47
N ALA A 45 16.50 12.10 -6.12
CA ALA A 45 15.37 12.24 -7.08
C ALA A 45 15.28 11.12 -8.14
N ARG A 46 15.53 9.89 -7.70
CA ARG A 46 15.39 8.69 -8.54
C ARG A 46 14.20 7.81 -8.05
N GLY A 47 13.35 8.37 -7.22
CA GLY A 47 12.15 7.68 -6.73
C GLY A 47 12.36 6.73 -5.56
N LYS A 48 13.51 6.81 -4.86
CA LYS A 48 13.77 5.89 -3.74
C LYS A 48 12.72 5.96 -2.62
N THR A 49 12.38 7.19 -2.22
CA THR A 49 11.37 7.40 -1.21
C THR A 49 9.98 7.00 -1.68
N TYR A 50 9.65 7.35 -2.92
CA TYR A 50 8.39 6.95 -3.52
C TYR A 50 8.23 5.40 -3.46
N ILE A 51 9.27 4.70 -3.90
CA ILE A 51 9.28 3.24 -3.81
C ILE A 51 9.26 2.74 -2.37
N SER A 52 10.07 3.32 -1.49
CA SER A 52 10.10 2.88 -0.11
C SER A 52 8.69 2.94 0.51
N LYS A 53 7.98 4.04 0.29
CA LYS A 53 6.68 4.25 0.86
C LYS A 53 5.63 3.30 0.23
N LYS A 54 5.66 3.13 -1.08
CA LYS A 54 4.65 2.34 -1.77
C LYS A 54 4.83 0.85 -1.48
N LEU A 55 6.08 0.41 -1.46
CA LEU A 55 6.36 -0.94 -1.11
C LEU A 55 5.95 -1.27 0.30
N THR A 56 6.20 -0.32 1.21
CA THR A 56 5.84 -0.48 2.61
C THR A 56 4.33 -0.55 2.80
N ARG A 57 3.58 0.20 1.97
CA ARG A 57 2.12 0.16 2.03
CA ARG A 57 2.10 0.17 2.01
C ARG A 57 1.59 -1.24 1.63
N TYR A 58 2.16 -1.77 0.56
CA TYR A 58 1.85 -3.12 0.04
C TYR A 58 2.16 -4.20 1.05
N LEU A 59 3.37 -4.17 1.58
CA LEU A 59 3.83 -5.19 2.50
C LEU A 59 3.03 -5.20 3.76
N ASN A 60 2.74 -4.01 4.30
CA ASN A 60 1.95 -3.97 5.51
C ASN A 60 0.53 -4.50 5.23
N TRP A 61 -0.01 -4.13 4.10
CA TRP A 61 -1.40 -4.52 3.79
C TRP A 61 -1.51 -6.06 3.68
N ILE A 62 -0.53 -6.72 3.04
CA ILE A 62 -0.55 -8.18 2.96
C ILE A 62 -0.12 -8.84 4.27
N GLY A 63 0.17 -8.05 5.30
CA GLY A 63 0.42 -8.58 6.62
C GLY A 63 1.88 -8.81 7.00
N VAL A 64 2.79 -8.17 6.31
CA VAL A 64 4.24 -8.31 6.58
C VAL A 64 4.70 -6.96 7.21
N PRO A 65 4.78 -6.88 8.54
CA PRO A 65 5.10 -5.61 9.24
C PRO A 65 6.40 -4.98 8.73
N THR A 66 6.26 -3.76 8.19
CA THR A 66 7.33 -3.11 7.46
C THR A 66 7.35 -1.65 7.91
N LYS A 67 8.56 -1.04 7.92
CA LYS A 67 8.68 0.37 8.32
C LYS A 67 9.86 0.99 7.64
N VAL A 68 9.68 2.25 7.21
CA VAL A 68 10.71 2.96 6.46
C VAL A 68 11.56 3.78 7.45
N PHE A 69 12.86 3.74 7.26
CA PHE A 69 13.82 4.50 8.04
C PHE A 69 14.55 5.39 7.03
N ASN A 70 14.09 6.63 6.97
CA ASN A 70 14.57 7.57 5.99
C ASN A 70 15.68 8.41 6.66
N VAL A 71 16.91 8.24 6.19
CA VAL A 71 18.08 8.88 6.84
C VAL A 71 17.99 10.43 6.77
N GLY A 72 17.42 10.93 5.70
CA GLY A 72 17.09 12.34 5.56
C GLY A 72 16.31 12.95 6.71
N GLU A 73 15.34 12.20 7.24
CA GLU A 73 14.57 12.67 8.39
C GLU A 73 15.40 12.72 9.63
N TYR A 74 16.32 11.79 9.81
CA TYR A 74 17.24 11.87 10.93
C TYR A 74 18.13 13.14 10.78
N ARG A 75 18.62 13.38 9.59
CA ARG A 75 19.47 14.56 9.35
C ARG A 75 18.71 15.84 9.64
N ARG A 76 17.44 15.92 9.24
CA ARG A 76 16.65 17.11 9.44
C ARG A 76 16.40 17.39 10.91
N GLU A 77 16.29 16.34 11.70
CA GLU A 77 16.12 16.50 13.15
C GLU A 77 17.45 16.86 13.87
N ALA A 78 18.57 16.40 13.33
CA ALA A 78 19.85 16.56 14.00
C ALA A 78 20.42 17.95 13.76
N VAL A 79 19.95 18.62 12.73
CA VAL A 79 20.63 19.79 12.25
C VAL A 79 19.64 20.91 12.04
N LYS A 80 20.10 22.16 12.17
CA LYS A 80 19.17 23.29 12.01
C LYS A 80 18.67 23.38 10.57
N GLN A 81 17.58 24.10 10.42
CA GLN A 81 17.03 24.36 9.13
C GLN A 81 18.09 24.32 8.05
N TYR A 82 17.74 23.66 6.95
CA TYR A 82 18.57 23.52 5.78
C TYR A 82 18.72 24.87 5.12
N SER A 83 19.90 25.15 4.58
CA SER A 83 20.08 26.41 3.85
C SER A 83 20.53 26.19 2.43
N SER A 84 21.46 25.27 2.23
CA SER A 84 21.81 24.98 0.88
C SER A 84 22.52 23.67 0.67
N TYR A 85 22.74 23.40 -0.61
CA TYR A 85 23.48 22.21 -1.05
C TYR A 85 24.91 22.12 -0.53
N ASN A 86 25.49 23.24 -0.09
CA ASN A 86 26.83 23.17 0.55
C ASN A 86 26.91 22.11 1.65
N PHE A 87 25.80 21.89 2.36
CA PHE A 87 25.75 20.84 3.38
C PHE A 87 26.16 19.48 2.78
N PHE A 88 25.89 19.24 1.50
CA PHE A 88 26.13 17.93 0.88
C PHE A 88 27.43 17.86 0.11
N ARG A 89 28.29 18.88 0.30
CA ARG A 89 29.57 18.86 -0.37
C ARG A 89 30.39 17.75 0.20
N PRO A 90 31.04 16.97 -0.67
CA PRO A 90 31.90 15.91 -0.14
C PRO A 90 33.10 16.45 0.63
N ASP A 91 33.53 17.69 0.34
CA ASP A 91 34.62 18.32 1.17
C ASP A 91 34.12 18.90 2.49
N ASN A 92 32.83 18.69 2.81
CA ASN A 92 32.24 19.18 4.08
C ASN A 92 32.47 18.17 5.18
N GLU A 93 33.58 18.32 5.88
CA GLU A 93 34.03 17.31 6.82
C GLU A 93 33.04 17.08 7.95
N GLU A 94 32.56 18.16 8.53
CA GLU A 94 31.59 18.13 9.59
C GLU A 94 30.23 17.55 9.15
N ALA A 95 29.71 18.02 8.02
CA ALA A 95 28.42 17.53 7.52
C ALA A 95 28.54 16.04 7.20
N MET A 96 29.70 15.60 6.70
CA MET A 96 29.92 14.19 6.44
C MET A 96 29.85 13.38 7.71
N LYS A 97 30.39 13.90 8.80
CA LYS A 97 30.30 13.23 10.10
C LYS A 97 28.87 13.13 10.60
N VAL A 98 28.16 14.24 10.52
CA VAL A 98 26.76 14.26 10.91
C VAL A 98 25.94 13.24 10.09
N ARG A 99 26.13 13.24 8.79
CA ARG A 99 25.42 12.34 7.87
C ARG A 99 25.71 10.87 8.25
N LYS A 100 26.95 10.58 8.57
CA LYS A 100 27.33 9.25 8.99
C LYS A 100 26.70 8.86 10.32
N GLN A 101 26.67 9.80 11.27
CA GLN A 101 26.05 9.48 12.55
CA GLN A 101 26.02 9.61 12.57
C GLN A 101 24.51 9.31 12.42
N CYS A 102 23.88 10.02 11.50
CA CYS A 102 22.45 9.88 11.23
C CYS A 102 22.18 8.48 10.64
N ALA A 103 23.05 8.01 9.76
CA ALA A 103 22.92 6.67 9.21
C ALA A 103 23.02 5.65 10.31
N LEU A 104 24.02 5.79 11.19
CA LEU A 104 24.19 4.86 12.29
C LEU A 104 23.02 4.91 13.24
N ALA A 105 22.48 6.08 13.51
CA ALA A 105 21.33 6.16 14.39
C ALA A 105 20.09 5.46 13.76
N ALA A 106 19.87 5.68 12.47
CA ALA A 106 18.78 5.01 11.76
C ALA A 106 18.97 3.49 11.84
N LEU A 107 20.19 2.97 11.66
CA LEU A 107 20.45 1.55 11.83
C LEU A 107 20.22 1.03 13.24
N ARG A 108 20.53 1.81 14.27
CA ARG A 108 20.12 1.41 15.63
C ARG A 108 18.61 1.18 15.71
N ASP A 109 17.84 2.05 15.06
CA ASP A 109 16.38 1.95 15.13
C ASP A 109 15.90 0.72 14.29
N VAL A 110 16.58 0.45 13.19
CA VAL A 110 16.31 -0.74 12.35
C VAL A 110 16.52 -1.99 13.22
N LYS A 111 17.64 -2.03 13.96
CA LYS A 111 17.89 -3.15 14.84
C LYS A 111 16.78 -3.34 15.86
N SER A 112 16.42 -2.26 16.52
CA SER A 112 15.39 -2.31 17.52
C SER A 112 14.01 -2.78 16.93
N TYR A 113 13.66 -2.26 15.77
CA TYR A 113 12.44 -2.61 15.08
C TYR A 113 12.40 -4.10 14.73
N LEU A 114 13.45 -4.60 14.08
CA LEU A 114 13.48 -5.95 13.60
C LEU A 114 13.70 -6.96 14.71
N ALA A 115 14.49 -6.63 15.73
CA ALA A 115 14.83 -7.59 16.79
C ALA A 115 13.87 -7.53 17.96
N LYS A 116 13.22 -6.40 18.18
CA LYS A 116 12.53 -6.24 19.44
C LYS A 116 11.10 -5.80 19.25
N GLU A 117 10.73 -5.27 18.10
CA GLU A 117 9.37 -4.72 18.01
C GLU A 117 8.47 -5.50 17.05
N GLY A 118 8.88 -6.68 16.61
CA GLY A 118 8.06 -7.49 15.73
C GLY A 118 8.21 -7.18 14.26
N GLY A 119 9.09 -6.25 13.90
CA GLY A 119 9.21 -5.90 12.50
C GLY A 119 9.74 -7.04 11.68
N GLN A 120 9.31 -7.14 10.44
CA GLN A 120 9.79 -8.15 9.53
CA GLN A 120 9.83 -8.16 9.57
C GLN A 120 10.68 -7.57 8.44
N ILE A 121 10.34 -6.35 7.97
CA ILE A 121 11.08 -5.70 6.90
C ILE A 121 11.35 -4.25 7.30
N ALA A 122 12.61 -3.85 7.18
CA ALA A 122 13.00 -2.44 7.39
C ALA A 122 13.54 -1.90 6.10
N VAL A 123 12.98 -0.79 5.65
CA VAL A 123 13.42 -0.18 4.42
C VAL A 123 14.35 0.99 4.79
N PHE A 124 15.62 0.86 4.42
CA PHE A 124 16.67 1.85 4.72
C PHE A 124 16.78 2.75 3.55
N ASP A 125 16.08 3.87 3.64
CA ASP A 125 15.87 4.77 2.53
C ASP A 125 16.92 5.89 2.57
N ALA A 126 17.97 5.74 1.79
CA ALA A 126 19.01 6.75 1.63
C ALA A 126 19.63 6.55 0.30
N THR A 127 20.54 7.44 -0.08
CA THR A 127 21.31 7.29 -1.32
C THR A 127 22.18 6.06 -1.37
N ASN A 128 22.91 5.77 -0.29
CA ASN A 128 23.79 4.60 -0.18
C ASN A 128 24.58 4.34 -1.44
N THR A 129 25.14 5.42 -1.99
CA THR A 129 25.75 5.39 -3.32
C THR A 129 27.20 4.89 -3.37
N THR A 130 27.80 4.71 -2.21
CA THR A 130 29.17 4.20 -2.11
C THR A 130 29.24 2.74 -1.65
N ARG A 131 30.21 2.02 -2.20
CA ARG A 131 30.50 0.65 -1.81
C ARG A 131 30.80 0.57 -0.35
N GLU A 132 31.48 1.59 0.15
CA GLU A 132 31.86 1.58 1.54
C GLU A 132 30.65 1.66 2.48
N ARG A 133 29.71 2.54 2.18
CA ARG A 133 28.50 2.63 2.95
C ARG A 133 27.73 1.30 2.90
N ARG A 134 27.64 0.70 1.72
CA ARG A 134 26.89 -0.54 1.57
C ARG A 134 27.56 -1.68 2.32
N HIS A 135 28.89 -1.67 2.32
CA HIS A 135 29.64 -2.70 3.02
C HIS A 135 29.36 -2.62 4.52
N MET A 136 29.30 -1.41 5.05
CA MET A 136 29.00 -1.23 6.46
C MET A 136 27.57 -1.72 6.80
N ILE A 137 26.61 -1.47 5.90
CA ILE A 137 25.24 -1.97 6.12
C ILE A 137 25.22 -3.49 6.07
N LEU A 138 25.91 -4.08 5.10
CA LEU A 138 26.06 -5.53 5.05
C LEU A 138 26.59 -6.09 6.36
N HIS A 139 27.60 -5.44 6.89
CA HIS A 139 28.25 -5.91 8.09
C HIS A 139 27.28 -5.85 9.26
N PHE A 140 26.53 -4.75 9.36
CA PHE A 140 25.47 -4.61 10.31
C PHE A 140 24.39 -5.75 10.21
N ALA A 141 24.02 -6.08 8.99
CA ALA A 141 22.99 -7.10 8.78
C ALA A 141 23.49 -8.47 9.22
N LYS A 142 24.67 -8.85 8.73
CA LYS A 142 25.20 -10.17 9.06
C LYS A 142 25.41 -10.34 10.57
N GLU A 143 25.79 -9.27 11.27
CA GLU A 143 26.01 -9.37 12.70
C GLU A 143 24.73 -9.37 13.50
N ASN A 144 23.62 -8.95 12.92
CA ASN A 144 22.35 -9.08 13.60
C ASN A 144 21.52 -10.24 13.08
N ASP A 145 22.11 -10.99 12.15
CA ASP A 145 21.45 -12.05 11.44
C ASP A 145 20.24 -11.58 10.64
N PHE A 146 20.38 -10.44 9.98
CA PHE A 146 19.32 -9.96 9.10
C PHE A 146 19.75 -10.25 7.68
N LYS A 147 18.80 -10.52 6.78
CA LYS A 147 19.12 -10.53 5.37
C LYS A 147 19.22 -9.11 4.85
N ALA A 148 19.93 -8.93 3.76
CA ALA A 148 20.01 -7.65 3.11
C ALA A 148 19.60 -7.84 1.64
N PHE A 149 18.77 -6.94 1.16
CA PHE A 149 18.30 -6.93 -0.20
C PHE A 149 18.38 -5.52 -0.73
N PHE A 150 19.03 -5.32 -1.87
CA PHE A 150 19.29 -3.95 -2.36
C PHE A 150 18.35 -3.64 -3.51
N ILE A 151 17.77 -2.45 -3.50
CA ILE A 151 17.00 -1.94 -4.64
C ILE A 151 17.62 -0.65 -5.14
N GLU A 152 18.15 -0.66 -6.35
CA GLU A 152 18.79 0.52 -6.92
C GLU A 152 17.94 1.07 -8.03
N SER A 153 17.71 2.38 -8.03
CA SER A 153 17.01 3.05 -9.13
C SER A 153 17.97 3.92 -9.91
N VAL A 154 18.06 3.65 -11.22
CA VAL A 154 18.97 4.33 -12.13
C VAL A 154 18.16 5.06 -13.17
N CYS A 155 18.39 6.35 -13.29
CA CYS A 155 17.72 7.15 -14.33
C CYS A 155 18.52 8.39 -14.71
N ASP A 156 18.76 8.55 -16.02
CA ASP A 156 19.55 9.68 -16.56
C ASP A 156 18.71 10.55 -17.45
N ASP A 157 17.40 10.46 -17.32
CA ASP A 157 16.51 11.30 -18.07
C ASP A 157 16.14 12.57 -17.28
N PRO A 158 16.61 13.73 -17.76
CA PRO A 158 16.45 14.99 -17.01
C PRO A 158 15.01 15.40 -16.84
N THR A 159 14.16 15.06 -17.78
CA THR A 159 12.73 15.31 -17.64
C THR A 159 12.16 14.59 -16.42
N VAL A 160 12.55 13.34 -16.24
CA VAL A 160 12.04 12.56 -15.10
C VAL A 160 12.52 13.17 -13.79
N VAL A 161 13.82 13.36 -13.70
CA VAL A 161 14.43 14.00 -12.52
C VAL A 161 13.76 15.35 -12.19
N ALA A 162 13.58 16.19 -13.21
CA ALA A 162 12.96 17.52 -13.00
C ALA A 162 11.55 17.38 -12.49
N SER A 163 10.82 16.42 -13.03
CA SER A 163 9.46 16.18 -12.60
C SER A 163 9.42 15.73 -11.13
N ASN A 164 10.32 14.83 -10.76
CA ASN A 164 10.39 14.44 -9.37
C ASN A 164 10.68 15.63 -8.46
N ILE A 165 11.65 16.44 -8.85
CA ILE A 165 12.00 17.60 -8.03
C ILE A 165 10.82 18.54 -7.79
N MET A 166 10.16 18.92 -8.89
CA MET A 166 8.95 19.77 -8.81
C MET A 166 7.80 19.15 -7.98
N GLU A 167 7.66 17.83 -8.03
CA GLU A 167 6.51 17.23 -7.40
C GLU A 167 6.70 16.98 -5.92
N VAL A 168 7.89 16.58 -5.48
CA VAL A 168 8.01 16.22 -4.08
C VAL A 168 9.21 16.86 -3.38
N LYS A 169 10.15 17.44 -4.12
CA LYS A 169 11.33 18.02 -3.43
C LYS A 169 11.13 19.50 -3.06
N ILE A 170 10.62 20.31 -3.97
CA ILE A 170 10.57 21.76 -3.72
C ILE A 170 9.56 22.11 -2.67
N SER A 171 8.63 21.19 -2.41
CA SER A 171 7.61 21.39 -1.38
C SER A 171 8.02 20.79 -0.06
N SER A 172 9.23 20.28 0.03
CA SER A 172 9.62 19.68 1.30
C SER A 172 10.14 20.71 2.29
N PRO A 173 10.19 20.34 3.56
CA PRO A 173 10.52 21.33 4.57
C PRO A 173 11.93 21.96 4.43
N ASP A 174 12.84 21.26 3.74
CA ASP A 174 14.19 21.76 3.46
C ASP A 174 14.13 23.09 2.69
N TYR A 175 13.15 23.19 1.78
CA TYR A 175 13.03 24.32 0.91
C TYR A 175 11.92 25.34 1.27
N LYS A 176 11.49 25.29 2.52
CA LYS A 176 10.43 26.17 3.02
C LYS A 176 10.67 27.66 2.75
N ASP A 177 11.92 28.10 2.85
CA ASP A 177 12.29 29.50 2.67
C ASP A 177 12.85 29.81 1.29
N CYS A 178 12.63 28.91 0.32
CA CYS A 178 13.11 29.11 -1.05
C CYS A 178 11.87 29.14 -1.97
N ASN A 179 11.92 29.89 -3.07
CA ASN A 179 10.95 29.74 -4.13
C ASN A 179 11.33 28.59 -5.03
N SER A 180 10.50 28.35 -6.05
CA SER A 180 10.60 27.14 -6.87
C SER A 180 11.89 27.08 -7.63
N ALA A 181 12.17 28.16 -8.39
CA ALA A 181 13.37 28.23 -9.21
C ALA A 181 14.60 27.98 -8.37
N GLU A 182 14.66 28.60 -7.21
CA GLU A 182 15.88 28.45 -6.44
C GLU A 182 16.00 27.10 -5.74
N ALA A 183 14.86 26.54 -5.31
CA ALA A 183 14.85 25.18 -4.74
C ALA A 183 15.33 24.17 -5.78
N MET A 184 14.84 24.31 -7.01
CA MET A 184 15.25 23.45 -8.12
C MET A 184 16.73 23.60 -8.44
N ASP A 185 17.23 24.83 -8.42
CA ASP A 185 18.65 25.07 -8.70
C ASP A 185 19.48 24.43 -7.61
N ASP A 186 19.06 24.63 -6.38
CA ASP A 186 19.77 24.04 -5.29
C ASP A 186 19.78 22.51 -5.40
N PHE A 187 18.65 21.93 -5.78
CA PHE A 187 18.55 20.47 -5.76
C PHE A 187 19.44 19.87 -6.82
N MET A 188 19.49 20.51 -8.00
CA MET A 188 20.36 20.07 -9.06
C MET A 188 21.83 20.08 -8.65
N LYS A 189 22.23 21.05 -7.83
CA LYS A 189 23.62 21.12 -7.37
C LYS A 189 23.85 20.06 -6.31
N ARG A 190 22.82 19.83 -5.54
CA ARG A 190 22.85 18.84 -4.50
C ARG A 190 23.12 17.45 -5.11
N ILE A 191 22.40 17.13 -6.17
CA ILE A 191 22.60 15.88 -6.88
C ILE A 191 24.05 15.79 -7.38
N SER A 192 24.57 16.90 -7.94
CA SER A 192 25.92 16.87 -8.48
C SER A 192 26.94 16.52 -7.41
N CYS A 193 26.64 16.85 -6.15
CA CYS A 193 27.53 16.49 -5.05
C CYS A 193 27.75 14.99 -4.91
N TYR A 194 26.80 14.18 -5.36
CA TYR A 194 26.90 12.72 -5.20
C TYR A 194 27.54 12.03 -6.41
N GLU A 195 27.70 12.77 -7.49
CA GLU A 195 28.03 12.12 -8.77
C GLU A 195 29.42 11.56 -8.84
N ALA A 196 30.41 12.23 -8.27
CA ALA A 196 31.77 11.71 -8.40
C ALA A 196 31.99 10.39 -7.64
N SER A 197 31.42 10.21 -6.46
CA SER A 197 31.70 9.02 -5.69
C SER A 197 30.62 7.91 -5.84
N TYR A 198 29.66 8.11 -6.74
CA TYR A 198 28.55 7.13 -6.94
C TYR A 198 29.13 5.86 -7.59
N GLN A 199 29.11 4.75 -6.86
CA GLN A 199 29.47 3.45 -7.40
C GLN A 199 28.21 2.57 -7.55
N PRO A 200 27.72 2.41 -8.77
CA PRO A 200 26.48 1.66 -8.96
C PRO A 200 26.64 0.19 -8.60
N LEU A 201 25.52 -0.50 -8.32
CA LEU A 201 25.59 -1.93 -8.00
C LEU A 201 26.16 -2.62 -9.23
N ASP A 202 27.06 -3.58 -9.00
CA ASP A 202 27.81 -4.26 -10.07
C ASP A 202 27.62 -5.80 -9.93
N PRO A 203 26.45 -6.28 -10.33
CA PRO A 203 26.11 -7.68 -10.09
C PRO A 203 26.93 -8.69 -10.92
N ASP A 204 27.52 -8.23 -12.01
CA ASP A 204 28.48 -9.02 -12.77
C ASP A 204 29.62 -9.45 -11.92
N LYS A 205 30.20 -8.50 -11.21
CA LYS A 205 31.47 -8.72 -10.59
C LYS A 205 31.45 -8.44 -9.11
N CYS A 206 31.61 -7.18 -8.72
CA CYS A 206 31.88 -6.92 -7.33
C CYS A 206 30.67 -7.22 -6.44
N ASP A 207 29.45 -7.18 -6.98
CA ASP A 207 28.23 -7.41 -6.15
C ASP A 207 27.52 -8.72 -6.53
N ARG A 208 28.27 -9.56 -7.22
CA ARG A 208 27.80 -10.85 -7.71
C ARG A 208 27.16 -11.64 -6.61
N ASP A 209 27.61 -11.50 -5.39
CA ASP A 209 27.07 -12.29 -4.32
C ASP A 209 25.94 -11.63 -3.55
N LEU A 210 25.56 -10.41 -3.93
CA LEU A 210 24.47 -9.75 -3.18
C LEU A 210 23.10 -10.07 -3.78
N SER A 211 22.08 -10.03 -2.96
CA SER A 211 20.72 -10.09 -3.48
C SER A 211 20.26 -8.68 -3.81
N LEU A 212 19.84 -8.48 -5.06
CA LEU A 212 19.51 -7.15 -5.55
C LEU A 212 18.54 -7.08 -6.71
N ILE A 213 17.90 -5.93 -6.84
CA ILE A 213 17.27 -5.57 -8.07
C ILE A 213 17.73 -4.17 -8.48
N LYS A 214 18.25 -4.05 -9.68
CA LYS A 214 18.58 -2.77 -10.24
C LYS A 214 17.52 -2.45 -11.29
N VAL A 215 16.84 -1.33 -11.10
CA VAL A 215 15.77 -0.89 -11.93
C VAL A 215 16.26 0.26 -12.75
N ILE A 216 16.09 0.14 -14.05
CA ILE A 216 16.60 1.13 -14.99
C ILE A 216 15.47 1.83 -15.72
N ASP A 217 15.53 3.17 -15.69
CA ASP A 217 14.63 4.00 -16.47
C ASP A 217 13.18 3.81 -16.10
N VAL A 218 12.90 3.88 -14.80
CA VAL A 218 11.56 3.94 -14.29
C VAL A 218 10.78 2.64 -14.61
N GLY A 219 11.43 1.50 -14.44
CA GLY A 219 10.79 0.18 -14.58
C GLY A 219 10.86 -0.32 -16.00
N ARG A 220 11.68 0.28 -16.84
CA ARG A 220 11.82 -0.24 -18.19
C ARG A 220 12.61 -1.59 -18.25
N ARG A 221 13.66 -1.71 -17.43
CA ARG A 221 14.54 -2.87 -17.44
C ARG A 221 14.86 -3.17 -16.02
N PHE A 222 15.07 -4.46 -15.73
CA PHE A 222 15.47 -4.90 -14.40
C PHE A 222 16.65 -5.85 -14.53
N LEU A 223 17.58 -5.75 -13.59
CA LEU A 223 18.55 -6.82 -13.34
C LEU A 223 18.32 -7.31 -11.98
N VAL A 224 18.16 -8.62 -11.82
CA VAL A 224 17.80 -9.21 -10.58
C VAL A 224 18.83 -10.29 -10.34
N ASN A 225 19.35 -10.36 -9.13
CA ASN A 225 20.50 -11.19 -8.78
C ASN A 225 20.20 -11.84 -7.48
N ARG A 226 20.20 -13.18 -7.50
CA ARG A 226 20.14 -13.98 -6.27
C ARG A 226 18.98 -13.72 -5.33
N VAL A 227 17.74 -13.91 -5.78
CA VAL A 227 16.65 -13.81 -4.81
C VAL A 227 16.74 -14.90 -3.70
N GLN A 228 16.64 -14.54 -2.41
CA GLN A 228 16.91 -15.49 -1.32
C GLN A 228 15.69 -16.04 -0.61
N ASP A 229 14.53 -15.42 -0.74
CA ASP A 229 13.35 -15.90 -0.06
C ASP A 229 12.04 -15.40 -0.71
N HIS A 230 10.92 -15.91 -0.28
CA HIS A 230 9.67 -15.58 -0.97
C HIS A 230 9.27 -14.09 -0.83
N ILE A 231 9.66 -13.42 0.25
CA ILE A 231 9.32 -11.95 0.38
C ILE A 231 10.02 -11.16 -0.70
N GLN A 232 11.27 -11.57 -0.99
CA GLN A 232 12.03 -10.96 -2.05
C GLN A 232 11.53 -11.23 -3.45
N SER A 233 11.10 -12.46 -3.79
CA SER A 233 10.59 -12.64 -5.13
C SER A 233 9.27 -11.88 -5.30
N ARG A 234 8.45 -11.84 -4.29
CA ARG A 234 7.20 -11.10 -4.35
C ARG A 234 7.41 -9.58 -4.51
N ILE A 235 8.41 -9.04 -3.81
CA ILE A 235 8.80 -7.62 -4.00
C ILE A 235 9.16 -7.40 -5.42
N VAL A 236 9.95 -8.32 -5.96
CA VAL A 236 10.30 -8.18 -7.35
C VAL A 236 9.09 -8.20 -8.29
N TYR A 237 8.17 -9.12 -8.03
CA TYR A 237 6.95 -9.24 -8.87
C TYR A 237 6.13 -7.93 -8.79
N TYR A 238 6.01 -7.43 -7.58
CA TYR A 238 5.33 -6.13 -7.33
C TYR A 238 5.93 -4.99 -8.16
N LEU A 239 7.26 -4.84 -8.13
CA LEU A 239 7.97 -3.83 -8.94
C LEU A 239 7.82 -3.99 -10.40
N MET A 240 7.62 -5.23 -10.84
CA MET A 240 7.45 -5.47 -12.21
C MET A 240 6.05 -5.26 -12.66
N ASN A 241 5.14 -4.92 -11.74
CA ASN A 241 3.75 -4.67 -12.12
C ASN A 241 3.29 -3.20 -11.95
N ILE A 242 4.03 -2.43 -11.16
CA ILE A 242 3.64 -1.01 -10.92
C ILE A 242 4.14 -0.09 -12.00
N HIS A 243 3.49 1.06 -12.16
CA HIS A 243 3.95 2.04 -13.13
C HIS A 243 3.57 3.44 -12.62
N VAL A 244 4.11 4.47 -13.25
CA VAL A 244 3.88 5.82 -12.76
C VAL A 244 3.09 6.66 -13.75
N GLN A 245 2.37 6.04 -14.70
CA GLN A 245 1.52 6.78 -15.61
C GLN A 245 0.28 7.28 -14.85
N PRO A 246 -0.21 8.47 -15.21
CA PRO A 246 -1.34 9.09 -14.52
C PRO A 246 -2.61 8.31 -14.80
N ARG A 247 -3.43 8.12 -13.80
CA ARG A 247 -4.71 7.51 -14.05
C ARG A 247 -5.61 7.72 -12.86
N THR A 248 -6.80 7.17 -12.95
CA THR A 248 -7.81 7.30 -11.93
C THR A 248 -8.43 5.96 -11.61
N ILE A 249 -8.57 5.66 -10.32
CA ILE A 249 -9.32 4.52 -9.86
C ILE A 249 -10.61 4.92 -9.17
N TYR A 250 -11.75 4.37 -9.61
CA TYR A 250 -13.01 4.62 -8.93
C TYR A 250 -13.44 3.38 -8.25
N LEU A 251 -13.84 3.50 -6.98
CA LEU A 251 -14.36 2.38 -6.23
C LEU A 251 -15.78 2.75 -5.77
N CYS A 252 -16.72 1.83 -5.89
CA CYS A 252 -18.04 2.00 -5.33
C CYS A 252 -18.65 0.66 -5.03
N ARG A 253 -19.75 0.67 -4.29
CA ARG A 253 -20.53 -0.50 -4.11
C ARG A 253 -21.63 -0.64 -5.16
N HIS A 254 -22.14 -1.85 -5.27
CA HIS A 254 -23.40 -2.07 -5.94
C HIS A 254 -24.41 -1.03 -5.46
N GLY A 255 -25.32 -0.66 -6.34
CA GLY A 255 -26.58 -0.04 -5.90
C GLY A 255 -27.23 -0.79 -4.76
N GLU A 256 -28.00 -0.07 -3.97
CA GLU A 256 -28.75 -0.65 -2.89
C GLU A 256 -29.50 -1.88 -3.37
N ASN A 257 -29.53 -2.89 -2.51
CA ASN A 257 -30.20 -4.11 -2.88
C ASN A 257 -31.27 -4.50 -1.89
N GLU A 258 -31.97 -5.57 -2.18
CA GLU A 258 -33.08 -5.94 -1.32
C GLU A 258 -32.70 -6.40 0.06
N HIS A 259 -31.58 -7.11 0.21
CA HIS A 259 -31.08 -7.39 1.56
C HIS A 259 -30.75 -6.13 2.33
N ASN A 260 -30.17 -5.15 1.67
CA ASN A 260 -29.79 -3.90 2.35
C ASN A 260 -31.06 -3.29 2.98
N LEU A 261 -32.15 -3.30 2.24
CA LEU A 261 -33.46 -2.78 2.72
C LEU A 261 -33.94 -3.54 3.92
N GLN A 262 -33.65 -4.84 3.96
CA GLN A 262 -33.98 -5.66 5.13
C GLN A 262 -32.93 -5.71 6.21
N GLY A 263 -31.82 -5.00 6.06
CA GLY A 263 -30.73 -5.15 7.04
C GLY A 263 -30.12 -6.55 7.13
N ARG A 264 -30.18 -7.28 6.03
CA ARG A 264 -29.62 -8.64 6.00
C ARG A 264 -28.22 -8.64 5.37
N ILE A 265 -27.34 -9.44 5.96
CA ILE A 265 -25.96 -9.56 5.51
C ILE A 265 -25.75 -10.72 4.53
N GLY A 266 -24.71 -10.59 3.73
CA GLY A 266 -24.44 -11.55 2.67
C GLY A 266 -25.52 -11.69 1.62
N GLY A 267 -25.63 -12.90 1.10
CA GLY A 267 -26.63 -13.23 0.10
C GLY A 267 -26.31 -12.76 -1.29
N ASP A 268 -27.27 -12.95 -2.16
CA ASP A 268 -27.10 -12.57 -3.55
C ASP A 268 -28.39 -11.93 -4.07
N SER A 269 -28.93 -10.96 -3.33
CA SER A 269 -30.13 -10.24 -3.79
C SER A 269 -29.87 -9.27 -4.94
N GLY A 270 -30.96 -8.83 -5.59
CA GLY A 270 -30.92 -7.91 -6.70
C GLY A 270 -31.10 -6.44 -6.24
N LEU A 271 -30.92 -5.52 -7.16
CA LEU A 271 -31.00 -4.10 -6.83
C LEU A 271 -32.45 -3.73 -6.48
N SER A 272 -32.64 -2.88 -5.48
CA SER A 272 -33.94 -2.29 -5.17
C SER A 272 -34.23 -1.20 -6.19
N SER A 273 -35.40 -0.59 -6.11
CA SER A 273 -35.68 0.50 -7.07
C SER A 273 -34.66 1.62 -6.91
N ARG A 274 -34.25 1.94 -5.70
CA ARG A 274 -33.26 3.03 -5.56
C ARG A 274 -31.88 2.56 -6.12
N GLY A 275 -31.56 1.30 -5.91
CA GLY A 275 -30.28 0.81 -6.45
C GLY A 275 -30.23 0.99 -7.92
N LYS A 276 -31.36 0.76 -8.61
CA LYS A 276 -31.34 0.92 -10.07
C LYS A 276 -31.20 2.38 -10.51
N LYS A 277 -31.76 3.28 -9.70
CA LYS A 277 -31.58 4.74 -9.94
C LYS A 277 -30.13 5.12 -9.73
N PHE A 278 -29.51 4.54 -8.72
CA PHE A 278 -28.07 4.75 -8.59
C PHE A 278 -27.31 4.28 -9.81
N ALA A 279 -27.67 3.11 -10.32
CA ALA A 279 -26.95 2.59 -11.49
C ALA A 279 -27.05 3.52 -12.66
N SER A 280 -28.26 4.03 -12.95
CA SER A 280 -28.37 5.05 -14.01
C SER A 280 -27.55 6.31 -13.66
N ALA A 281 -27.59 6.74 -12.41
CA ALA A 281 -26.77 7.89 -12.02
C ALA A 281 -25.27 7.62 -12.23
N LEU A 282 -24.83 6.39 -11.95
CA LEU A 282 -23.41 6.04 -12.15
C LEU A 282 -23.04 6.10 -13.58
N SER A 283 -23.93 5.61 -14.44
CA SER A 283 -23.64 5.67 -15.85
C SER A 283 -23.44 7.14 -16.26
N LYS A 284 -24.31 8.04 -15.76
CA LYS A 284 -24.18 9.46 -16.13
C LYS A 284 -22.86 10.03 -15.63
N PHE A 285 -22.54 9.77 -14.35
CA PHE A 285 -21.25 10.16 -13.80
C PHE A 285 -20.09 9.66 -14.66
N VAL A 286 -20.07 8.39 -15.00
CA VAL A 286 -18.92 7.87 -15.73
C VAL A 286 -18.74 8.60 -17.04
N GLU A 287 -19.86 8.75 -17.74
CA GLU A 287 -19.88 9.43 -19.05
C GLU A 287 -19.34 10.82 -18.92
N GLU A 288 -19.74 11.56 -17.89
CA GLU A 288 -19.18 12.91 -17.64
C GLU A 288 -17.75 12.97 -17.24
N GLN A 289 -17.20 11.88 -16.69
CA GLN A 289 -15.75 11.86 -16.44
C GLN A 289 -14.97 11.84 -17.76
N ASN A 290 -15.61 11.36 -18.83
CA ASN A 290 -15.00 11.34 -20.15
C ASN A 290 -13.60 10.66 -20.22
N LEU A 291 -13.53 9.44 -19.71
CA LEU A 291 -12.26 8.71 -19.57
C LEU A 291 -11.91 7.91 -20.77
N LYS A 292 -10.61 7.69 -20.95
CA LYS A 292 -10.16 6.79 -21.99
C LYS A 292 -10.04 5.39 -21.41
N ASP A 293 -10.66 4.45 -22.10
CA ASP A 293 -10.37 3.04 -21.89
C ASP A 293 -10.59 2.62 -20.45
N LEU A 294 -11.74 3.04 -19.94
CA LEU A 294 -12.11 2.71 -18.58
C LEU A 294 -12.42 1.20 -18.49
N ARG A 295 -11.70 0.47 -17.67
CA ARG A 295 -12.05 -0.92 -17.40
CA ARG A 295 -12.04 -0.92 -17.37
C ARG A 295 -13.05 -0.94 -16.25
N VAL A 296 -14.01 -1.84 -16.31
CA VAL A 296 -14.98 -2.02 -15.26
C VAL A 296 -14.94 -3.45 -14.69
N TRP A 297 -14.78 -3.58 -13.39
CA TRP A 297 -14.77 -4.85 -12.69
C TRP A 297 -15.91 -4.95 -11.73
N THR A 298 -16.50 -6.16 -11.62
CA THR A 298 -17.56 -6.42 -10.69
C THR A 298 -17.19 -7.68 -9.95
N SER A 299 -17.95 -8.00 -8.91
CA SER A 299 -17.96 -9.30 -8.32
C SER A 299 -18.84 -10.25 -9.20
N GLN A 300 -19.05 -11.46 -8.71
CA GLN A 300 -19.97 -12.41 -9.35
C GLN A 300 -21.31 -12.38 -8.72
N LEU A 301 -21.53 -11.39 -7.85
CA LEU A 301 -22.85 -11.29 -7.20
C LEU A 301 -23.75 -10.35 -8.02
N LYS A 302 -25.03 -10.71 -8.14
CA LYS A 302 -26.01 -10.02 -8.99
C LYS A 302 -26.00 -8.50 -8.87
N SER A 303 -25.96 -8.01 -7.65
CA SER A 303 -26.16 -6.58 -7.40
C SER A 303 -25.04 -5.71 -8.05
N THR A 304 -23.80 -6.22 -8.10
CA THR A 304 -22.76 -5.46 -8.75
C THR A 304 -22.88 -5.52 -10.24
N ILE A 305 -23.31 -6.69 -10.71
CA ILE A 305 -23.45 -6.91 -12.16
C ILE A 305 -24.63 -6.11 -12.72
N GLN A 306 -25.73 -6.08 -12.00
CA GLN A 306 -26.83 -5.19 -12.46
C GLN A 306 -26.43 -3.73 -12.48
N THR A 307 -25.50 -3.33 -11.60
CA THR A 307 -25.05 -1.96 -11.57
C THR A 307 -24.22 -1.69 -12.78
N ALA A 308 -23.32 -2.61 -13.11
CA ALA A 308 -22.51 -2.46 -14.31
C ALA A 308 -23.34 -2.49 -15.57
N GLU A 309 -24.38 -3.29 -15.59
CA GLU A 309 -25.27 -3.35 -16.79
C GLU A 309 -25.81 -1.95 -17.22
N ALA A 310 -25.93 -1.02 -16.27
CA ALA A 310 -26.47 0.34 -16.60
C ALA A 310 -25.46 1.19 -17.36
N LEU A 311 -24.19 0.78 -17.37
CA LEU A 311 -23.12 1.61 -17.88
C LEU A 311 -22.95 1.54 -19.39
N ARG A 312 -23.39 0.43 -19.98
CA ARG A 312 -23.14 0.11 -21.37
C ARG A 312 -21.68 0.11 -21.71
N LEU A 313 -20.85 -0.40 -20.78
CA LEU A 313 -19.44 -0.58 -21.04
C LEU A 313 -19.17 -2.06 -20.79
N PRO A 314 -18.20 -2.62 -21.49
CA PRO A 314 -17.79 -3.98 -21.18
C PRO A 314 -17.25 -4.05 -19.73
N TYR A 315 -17.56 -5.14 -19.04
CA TYR A 315 -17.06 -5.33 -17.67
C TYR A 315 -16.65 -6.76 -17.47
N GLU A 316 -15.84 -7.01 -16.45
CA GLU A 316 -15.38 -8.36 -16.17
C GLU A 316 -15.68 -8.67 -14.71
N GLN A 317 -16.12 -9.89 -14.45
CA GLN A 317 -16.49 -10.33 -13.14
C GLN A 317 -15.33 -11.03 -12.48
N TRP A 318 -15.16 -10.84 -11.16
CA TRP A 318 -14.12 -11.50 -10.39
C TRP A 318 -14.74 -12.09 -9.17
N LYS A 319 -14.56 -13.39 -8.97
CA LYS A 319 -15.03 -14.02 -7.75
C LYS A 319 -14.33 -13.42 -6.55
N ALA A 320 -13.09 -12.99 -6.73
CA ALA A 320 -12.31 -12.46 -5.61
C ALA A 320 -12.95 -11.15 -5.02
N LEU A 321 -13.81 -10.50 -5.78
CA LEU A 321 -14.53 -9.26 -5.35
C LEU A 321 -15.85 -9.53 -4.71
N ASN A 322 -16.22 -10.82 -4.58
CA ASN A 322 -17.40 -11.19 -3.81
C ASN A 322 -17.26 -10.78 -2.34
N GLU A 323 -18.40 -10.39 -1.75
CA GLU A 323 -18.40 -9.88 -0.38
C GLU A 323 -17.89 -10.95 0.54
N ILE A 324 -17.35 -10.52 1.67
CA ILE A 324 -16.96 -11.40 2.77
C ILE A 324 -18.03 -12.46 3.07
N ASP A 325 -17.57 -13.70 3.20
CA ASP A 325 -18.48 -14.83 3.39
C ASP A 325 -18.81 -14.98 4.86
N ALA A 326 -20.06 -14.67 5.25
CA ALA A 326 -20.39 -14.70 6.67
C ALA A 326 -20.74 -16.11 7.17
N GLY A 327 -20.38 -17.14 6.39
CA GLY A 327 -20.54 -18.50 6.89
C GLY A 327 -21.97 -18.80 7.31
N VAL A 328 -22.16 -19.32 8.52
CA VAL A 328 -23.52 -19.69 8.94
C VAL A 328 -24.38 -18.47 9.21
N CYS A 329 -23.82 -17.27 9.15
CA CYS A 329 -24.59 -16.06 9.39
C CYS A 329 -25.09 -15.39 8.13
N GLU A 330 -24.71 -15.95 6.98
CA GLU A 330 -25.20 -15.42 5.73
C GLU A 330 -26.71 -15.35 5.79
N GLU A 331 -27.29 -14.29 5.22
CA GLU A 331 -28.73 -14.09 5.05
C GLU A 331 -29.44 -13.62 6.32
N LEU A 332 -28.71 -13.39 7.40
CA LEU A 332 -29.29 -12.95 8.65
C LEU A 332 -29.11 -11.45 8.88
N THR A 333 -29.96 -10.87 9.75
CA THR A 333 -29.79 -9.49 10.21
C THR A 333 -28.82 -9.54 11.33
N TYR A 334 -28.22 -8.39 11.66
CA TYR A 334 -27.34 -8.32 12.79
C TYR A 334 -28.09 -8.62 14.11
N GLU A 335 -29.35 -8.22 14.17
CA GLU A 335 -30.21 -8.63 15.30
C GLU A 335 -30.39 -10.13 15.41
N GLU A 336 -30.67 -10.81 14.30
CA GLU A 336 -30.76 -12.30 14.32
C GLU A 336 -29.44 -12.96 14.70
N ILE A 337 -28.32 -12.37 14.30
CA ILE A 337 -27.03 -12.88 14.71
C ILE A 337 -26.84 -12.65 16.22
N ARG A 338 -27.15 -11.45 16.69
CA ARG A 338 -27.00 -11.21 18.13
C ARG A 338 -27.91 -12.11 18.99
N ASP A 339 -29.10 -12.39 18.51
CA ASP A 339 -29.99 -13.27 19.28
C ASP A 339 -29.61 -14.74 19.16
N THR A 340 -29.22 -15.17 17.98
CA THR A 340 -28.91 -16.58 17.75
C THR A 340 -27.47 -16.94 18.13
N TYR A 341 -26.52 -16.04 17.88
CA TYR A 341 -25.10 -16.27 18.18
C TYR A 341 -24.45 -15.17 19.01
N PRO A 342 -24.88 -15.02 20.26
CA PRO A 342 -24.47 -13.89 21.08
C PRO A 342 -22.96 -13.78 21.30
N GLU A 343 -22.28 -14.88 21.59
CA GLU A 343 -20.84 -14.83 21.74
C GLU A 343 -20.12 -14.47 20.39
N GLU A 344 -20.56 -15.04 19.29
CA GLU A 344 -19.99 -14.72 17.97
C GLU A 344 -20.13 -13.22 17.67
N TYR A 345 -21.33 -12.68 17.91
CA TYR A 345 -21.58 -11.22 17.73
C TYR A 345 -20.62 -10.37 18.57
N ALA A 346 -20.43 -10.76 19.82
CA ALA A 346 -19.52 -10.05 20.72
C ALA A 346 -18.04 -10.20 20.33
N LEU A 347 -17.63 -11.40 19.97
CA LEU A 347 -16.23 -11.62 19.56
C LEU A 347 -15.85 -10.77 18.35
N ARG A 348 -16.75 -10.68 17.39
CA ARG A 348 -16.51 -9.86 16.19
C ARG A 348 -16.42 -8.37 16.53
N GLU A 349 -17.25 -7.89 17.45
CA GLU A 349 -17.16 -6.48 17.85
C GLU A 349 -15.85 -6.15 18.56
N GLN A 350 -15.27 -7.16 19.18
CA GLN A 350 -14.02 -7.01 19.92
C GLN A 350 -12.79 -7.10 19.04
N ASP A 351 -12.85 -7.88 17.96
CA ASP A 351 -11.65 -8.06 17.12
C ASP A 351 -12.10 -8.24 15.67
N LYS A 352 -12.56 -7.13 15.08
CA LYS A 352 -13.30 -7.22 13.84
C LYS A 352 -12.41 -7.58 12.61
N TYR A 353 -11.11 -7.31 12.66
CA TYR A 353 -10.24 -7.62 11.56
C TYR A 353 -9.93 -9.14 11.49
N TYR A 354 -9.65 -9.75 12.65
CA TYR A 354 -9.21 -11.14 12.72
C TYR A 354 -10.32 -12.14 12.92
N TYR A 355 -11.46 -11.69 13.42
CA TYR A 355 -12.61 -12.55 13.61
C TYR A 355 -13.00 -13.29 12.33
N ARG A 356 -13.20 -14.60 12.42
CA ARG A 356 -13.83 -15.35 11.31
C ARG A 356 -15.19 -15.77 11.67
N TYR A 357 -16.08 -15.62 10.72
CA TYR A 357 -17.39 -16.13 10.93
C TYR A 357 -17.24 -17.68 10.91
N PRO A 358 -18.12 -18.40 11.63
CA PRO A 358 -18.06 -19.88 11.53
C PRO A 358 -18.39 -20.41 10.13
N THR A 359 -17.48 -21.21 9.62
CA THR A 359 -17.49 -21.65 8.23
C THR A 359 -17.35 -20.51 7.21
N GLY A 360 -16.91 -19.33 7.63
CA GLY A 360 -16.77 -18.18 6.74
C GLY A 360 -15.43 -17.52 6.89
N GLU A 361 -15.41 -16.20 6.66
CA GLU A 361 -14.20 -15.43 6.48
C GLU A 361 -14.02 -14.33 7.52
N SER A 362 -12.80 -13.83 7.56
CA SER A 362 -12.40 -12.60 8.27
C SER A 362 -11.95 -11.57 7.24
N TYR A 363 -11.73 -10.32 7.69
CA TYR A 363 -11.10 -9.32 6.81
C TYR A 363 -9.68 -9.79 6.42
N GLN A 364 -9.02 -10.47 7.33
CA GLN A 364 -7.71 -11.02 7.02
C GLN A 364 -7.78 -11.95 5.81
N ASP A 365 -8.80 -12.80 5.76
CA ASP A 365 -9.00 -13.68 4.60
C ASP A 365 -9.23 -12.85 3.37
N LEU A 366 -10.06 -11.83 3.50
CA LEU A 366 -10.32 -10.98 2.37
C LEU A 366 -9.09 -10.46 1.66
N VAL A 367 -8.15 -9.94 2.44
CA VAL A 367 -6.92 -9.41 1.93
C VAL A 367 -6.15 -10.43 1.12
N GLN A 368 -6.12 -11.68 1.58
CA GLN A 368 -5.43 -12.73 0.84
C GLN A 368 -6.11 -12.92 -0.52
N ARG A 369 -7.44 -12.94 -0.58
CA ARG A 369 -7.99 -13.17 -1.89
C ARG A 369 -8.03 -11.94 -2.74
N LEU A 370 -7.90 -10.76 -2.15
CA LEU A 370 -7.87 -9.51 -2.94
C LEU A 370 -6.50 -9.15 -3.49
N GLU A 371 -5.47 -9.85 -3.02
CA GLU A 371 -4.13 -9.57 -3.49
C GLU A 371 -3.92 -9.63 -4.98
N PRO A 372 -4.51 -10.62 -5.66
CA PRO A 372 -4.41 -10.59 -7.12
C PRO A 372 -5.19 -9.44 -7.75
N VAL A 373 -6.23 -8.97 -7.06
CA VAL A 373 -6.95 -7.84 -7.56
C VAL A 373 -6.04 -6.60 -7.50
N ILE A 374 -5.39 -6.39 -6.37
CA ILE A 374 -4.45 -5.27 -6.19
C ILE A 374 -3.32 -5.31 -7.25
N MET A 375 -2.78 -6.50 -7.52
CA MET A 375 -1.70 -6.58 -8.46
C MET A 375 -2.17 -6.16 -9.83
N GLU A 376 -3.34 -6.63 -10.24
CA GLU A 376 -3.86 -6.24 -11.55
C GLU A 376 -4.23 -4.75 -11.59
N LEU A 377 -4.84 -4.24 -10.53
CA LEU A 377 -5.09 -2.81 -10.43
C LEU A 377 -3.82 -2.03 -10.64
N GLU A 378 -2.70 -2.49 -10.09
CA GLU A 378 -1.44 -1.77 -10.28
C GLU A 378 -1.03 -1.71 -11.75
N ARG A 379 -1.36 -2.75 -12.52
CA ARG A 379 -0.98 -2.82 -13.94
C ARG A 379 -1.86 -1.96 -14.80
N GLN A 380 -3.09 -1.75 -14.39
CA GLN A 380 -4.06 -1.02 -15.21
C GLN A 380 -3.90 0.46 -15.15
N GLU A 381 -4.74 1.15 -15.90
CA GLU A 381 -4.80 2.58 -15.87
C GLU A 381 -6.14 2.98 -15.28
N ASN A 382 -7.08 3.49 -16.08
CA ASN A 382 -8.39 3.84 -15.52
C ASN A 382 -9.26 2.63 -15.26
N VAL A 383 -9.74 2.52 -14.02
CA VAL A 383 -10.54 1.37 -13.61
C VAL A 383 -11.62 1.80 -12.64
N LEU A 384 -12.80 1.20 -12.83
CA LEU A 384 -13.92 1.31 -11.94
C LEU A 384 -14.21 -0.06 -11.34
N VAL A 385 -14.19 -0.15 -10.03
CA VAL A 385 -14.45 -1.39 -9.32
C VAL A 385 -15.79 -1.24 -8.59
N ILE A 386 -16.76 -2.08 -8.96
CA ILE A 386 -18.04 -2.13 -8.33
C ILE A 386 -18.10 -3.35 -7.45
N CYS A 387 -18.15 -3.15 -6.14
CA CYS A 387 -17.97 -4.25 -5.20
C CYS A 387 -18.90 -4.12 -4.02
N HIS A 388 -18.45 -4.52 -2.83
CA HIS A 388 -19.29 -4.64 -1.66
C HIS A 388 -18.58 -4.00 -0.48
N GLN A 389 -19.33 -3.77 0.60
CA GLN A 389 -18.81 -3.00 1.75
C GLN A 389 -17.45 -3.47 2.26
N ALA A 390 -17.35 -4.70 2.76
CA ALA A 390 -16.11 -5.15 3.43
C ALA A 390 -14.97 -5.23 2.43
N VAL A 391 -15.28 -5.71 1.23
CA VAL A 391 -14.27 -5.75 0.13
C VAL A 391 -13.76 -4.33 -0.17
N LEU A 392 -14.67 -3.37 -0.24
CA LEU A 392 -14.29 -1.99 -0.61
C LEU A 392 -13.38 -1.43 0.49
N ARG A 393 -13.72 -1.72 1.74
CA ARG A 393 -12.86 -1.26 2.84
C ARG A 393 -11.44 -1.80 2.70
N CYS A 394 -11.31 -3.08 2.34
CA CYS A 394 -9.99 -3.68 2.18
CA CYS A 394 -10.01 -3.71 2.21
C CYS A 394 -9.18 -3.04 1.11
N LEU A 395 -9.78 -2.78 -0.03
CA LEU A 395 -9.11 -2.12 -1.11
C LEU A 395 -8.68 -0.70 -0.71
N LEU A 396 -9.61 0.01 -0.10
CA LEU A 396 -9.36 1.40 0.27
C LEU A 396 -8.21 1.47 1.28
N ALA A 397 -8.21 0.56 2.26
CA ALA A 397 -7.12 0.47 3.23
C ALA A 397 -5.77 0.38 2.53
N TYR A 398 -5.68 -0.45 1.49
CA TYR A 398 -4.46 -0.55 0.74
C TYR A 398 -4.03 0.79 0.17
N PHE A 399 -4.94 1.42 -0.56
CA PHE A 399 -4.59 2.66 -1.25
C PHE A 399 -4.26 3.78 -0.27
N LEU A 400 -4.96 3.85 0.84
CA LEU A 400 -4.83 4.98 1.78
C LEU A 400 -3.95 4.66 2.99
N ASP A 401 -3.33 3.49 2.95
CA ASP A 401 -2.39 3.09 3.98
C ASP A 401 -3.05 3.07 5.34
N LYS A 402 -4.19 2.40 5.46
CA LYS A 402 -4.84 2.26 6.74
C LYS A 402 -4.52 0.93 7.35
N SER A 403 -4.41 0.91 8.68
CA SER A 403 -3.99 -0.27 9.42
C SER A 403 -5.06 -1.37 9.33
N ALA A 404 -4.68 -2.59 9.73
CA ALA A 404 -5.64 -3.65 9.83
C ALA A 404 -6.73 -3.33 10.83
N GLU A 405 -6.38 -2.69 11.95
CA GLU A 405 -7.36 -2.38 12.99
C GLU A 405 -8.42 -1.36 12.54
N GLU A 406 -8.02 -0.42 11.71
CA GLU A 406 -8.89 0.62 11.12
C GLU A 406 -9.76 0.14 9.94
N MET A 407 -9.20 -0.79 9.19
CA MET A 407 -9.79 -1.24 7.92
C MET A 407 -11.26 -1.60 8.04
N PRO A 408 -11.64 -2.37 9.06
CA PRO A 408 -13.06 -2.81 9.12
C PRO A 408 -14.06 -1.69 9.49
N TYR A 409 -13.58 -0.48 9.72
CA TYR A 409 -14.46 0.62 10.12
C TYR A 409 -14.38 1.79 9.16
N LEU A 410 -13.67 1.63 8.05
CA LEU A 410 -13.61 2.70 7.06
C LEU A 410 -15.02 2.95 6.48
N LYS A 411 -15.32 4.20 6.15
CA LYS A 411 -16.67 4.56 5.73
C LYS A 411 -16.77 4.54 4.25
N CYS A 412 -17.63 3.68 3.72
CA CYS A 412 -17.80 3.54 2.29
CA CYS A 412 -17.82 3.63 2.27
C CYS A 412 -19.31 3.46 1.98
N PRO A 413 -20.03 4.60 2.04
CA PRO A 413 -21.49 4.55 1.89
C PRO A 413 -21.96 4.06 0.52
N LEU A 414 -23.19 3.62 0.49
CA LEU A 414 -23.86 3.31 -0.73
C LEU A 414 -24.00 4.59 -1.56
N HIS A 415 -23.98 4.38 -2.87
CA HIS A 415 -24.39 5.37 -3.86
C HIS A 415 -23.40 6.49 -3.90
N THR A 416 -22.18 6.17 -3.50
CA THR A 416 -21.07 7.16 -3.42
C THR A 416 -19.82 6.59 -4.05
N VAL A 417 -19.28 7.31 -5.02
CA VAL A 417 -18.08 6.91 -5.72
C VAL A 417 -16.88 7.49 -5.00
N LEU A 418 -15.90 6.64 -4.72
CA LEU A 418 -14.62 7.12 -4.15
C LEU A 418 -13.64 7.15 -5.27
N LYS A 419 -13.15 8.35 -5.58
CA LYS A 419 -12.32 8.57 -6.71
C LYS A 419 -10.90 8.76 -6.24
N LEU A 420 -9.98 7.91 -6.71
CA LEU A 420 -8.61 7.88 -6.24
C LEU A 420 -7.67 8.33 -7.33
N THR A 421 -6.80 9.29 -6.98
CA THR A 421 -5.86 9.80 -7.94
C THR A 421 -4.46 9.86 -7.29
N PRO A 422 -3.47 9.28 -7.96
CA PRO A 422 -2.07 9.30 -7.47
C PRO A 422 -1.54 10.70 -7.39
N VAL A 423 -1.07 11.12 -6.23
CA VAL A 423 -0.39 12.39 -6.11
C VAL A 423 0.82 12.25 -5.20
N ALA A 424 1.96 12.76 -5.67
CA ALA A 424 3.19 12.79 -4.87
C ALA A 424 3.47 11.39 -4.40
N TYR A 425 3.54 11.15 -3.10
CA TYR A 425 3.93 9.84 -2.61
C TYR A 425 2.72 8.96 -2.29
N GLY A 426 1.49 9.43 -2.56
CA GLY A 426 0.33 8.68 -2.19
C GLY A 426 -0.84 8.85 -3.15
N CYS A 427 -2.01 8.96 -2.55
CA CYS A 427 -3.26 8.91 -3.21
C CYS A 427 -4.18 10.01 -2.63
N ARG A 428 -4.73 10.87 -3.49
CA ARG A 428 -5.85 11.71 -3.08
C ARG A 428 -7.14 10.88 -3.21
N VAL A 429 -8.06 11.07 -2.29
CA VAL A 429 -9.40 10.47 -2.40
C VAL A 429 -10.47 11.57 -2.37
N GLU A 430 -11.41 11.49 -3.30
CA GLU A 430 -12.52 12.46 -3.41
CA GLU A 430 -12.52 12.44 -3.38
C GLU A 430 -13.80 11.63 -3.34
N SER A 431 -14.74 12.03 -2.51
CA SER A 431 -16.03 11.34 -2.42
C SER A 431 -16.99 12.04 -3.34
N ILE A 432 -17.71 11.28 -4.17
CA ILE A 432 -18.77 11.86 -5.02
C ILE A 432 -20.08 11.10 -4.85
N TYR A 433 -21.01 11.69 -4.08
CA TYR A 433 -22.30 11.09 -3.79
C TYR A 433 -23.22 11.44 -4.98
N LEU A 434 -23.90 10.43 -5.53
CA LEU A 434 -24.70 10.60 -6.76
C LEU A 434 -26.20 10.85 -6.48
N ASN A 435 -26.48 11.33 -5.27
CA ASN A 435 -27.75 11.97 -4.96
C ASN A 435 -28.92 11.01 -5.13
N VAL A 436 -28.75 9.76 -4.67
CA VAL A 436 -29.80 8.74 -4.65
C VAL A 436 -29.82 8.15 -3.27
N GLU A 437 -30.97 8.27 -2.61
CA GLU A 437 -31.12 7.82 -1.25
C GLU A 437 -30.84 6.31 -1.11
N SER A 438 -30.58 5.86 0.11
CA SER A 438 -30.37 4.46 0.36
C SER A 438 -30.41 4.31 1.84
N VAL A 439 -30.51 3.07 2.32
CA VAL A 439 -30.24 2.81 3.69
C VAL A 439 -28.74 3.06 3.95
N CYS A 440 -28.38 3.11 5.24
CA CYS A 440 -27.00 3.30 5.70
C CYS A 440 -26.61 1.97 6.31
N THR A 441 -25.51 1.37 5.87
CA THR A 441 -25.10 0.04 6.40
C THR A 441 -23.81 0.12 7.24
N HIS A 442 -23.41 1.36 7.56
CA HIS A 442 -22.22 1.58 8.36
C HIS A 442 -22.48 1.34 9.83
N ARG A 443 -21.62 0.57 10.48
CA ARG A 443 -21.74 0.32 11.92
C ARG A 443 -20.44 0.71 12.62
N GLU A 444 -20.55 1.67 13.54
CA GLU A 444 -19.36 2.29 14.19
C GLU A 444 -18.75 1.30 15.14
N ARG A 445 -17.49 1.52 15.49
CA ARG A 445 -16.86 0.70 16.54
C ARG A 445 -17.58 1.02 17.85
N SER A 446 -18.05 -0.01 18.55
CA SER A 446 -18.77 0.24 19.80
C SER A 446 -17.89 -0.09 21.03
N GLU A 447 -18.47 0.11 22.21
CA GLU A 447 -17.85 -0.33 23.47
C GLU A 447 -18.88 -0.26 24.60
C10 GV5 B . 9.80 1.89 -10.60
C11 GV5 B . 9.73 3.28 -10.63
C12 GV5 B . 13.49 7.94 -11.61
C13 GV5 B . 13.63 6.56 -11.63
C14 GV5 B . 8.03 9.17 -8.31
C15 GV5 B . 6.82 9.97 -8.58
C16 GV5 B . 6.81 11.27 -8.10
N1 GV5 B . 12.39 8.52 -11.09
C17 GV5 B . 7.88 11.77 -7.32
C18 GV5 B . 9.07 9.77 -7.60
C19 GV5 B . 6.10 9.10 -11.03
S GV5 B . 5.59 9.36 -9.51
O1 GV5 B . 4.40 10.27 -9.52
C20 GV5 B . 7.74 1.84 -11.93
C1 GV5 B . 9.42 6.07 -9.47
O GV5 B . 5.18 8.22 -8.75
N3 GV5 B . 8.96 11.03 -7.07
N GV5 B . 8.16 7.94 -8.90
C GV5 B . 9.28 7.46 -9.48
C5 GV5 B . 10.28 8.29 -10.04
C4 GV5 B . 11.41 7.76 -10.58
N2 GV5 B . 12.70 5.76 -11.12
C3 GV5 B . 11.61 6.32 -10.53
C2 GV5 B . 10.54 5.48 -9.99
C6 GV5 B . 10.68 4.01 -9.98
N4 GV5 B . 8.84 1.16 -11.25
C21 GV5 B . 8.90 -0.31 -11.25
C9 GV5 B . 10.86 1.27 -9.96
C8 GV5 B . 11.82 2.00 -9.28
C7 GV5 B . 11.78 3.38 -9.35
P1 POP C . 11.82 10.73 -4.57
O1 POP C . 11.66 11.58 -3.32
O2 POP C . 11.12 9.40 -4.39
O3 POP C . 11.44 11.37 -5.94
O POP C . 13.38 10.48 -4.94
P2 POP C . 14.55 10.00 -3.95
O4 POP C . 15.41 11.26 -3.69
O5 POP C . 15.32 9.07 -4.83
O6 POP C . 14.04 9.38 -2.69
O1 F6P D . -24.63 -5.09 4.74
C1 F6P D . -23.92 -5.02 3.55
C2 F6P D . -22.69 -5.93 3.62
O2 F6P D . -22.03 -5.84 2.33
C3 F6P D . -23.00 -7.39 4.00
O3 F6P D . -23.44 -8.15 2.87
C4 F6P D . -21.73 -7.81 4.71
O4 F6P D . -21.87 -8.91 5.61
C5 F6P D . -21.41 -6.52 5.46
O5 F6P D . -21.84 -5.44 4.65
C6 F6P D . -19.96 -6.35 5.85
O6 F6P D . -19.79 -5.21 6.73
P F6P D . -19.37 -5.43 8.26
O1P F6P D . -19.39 -3.99 8.80
O2P F6P D . -17.95 -5.98 8.13
O3P F6P D . -20.40 -6.36 8.84
CAC FLC E . 19.56 13.78 3.30
CA FLC E . 20.03 12.76 2.32
CB FLC E . 20.87 11.68 2.94
CBC FLC E . 21.20 10.72 1.79
CG FLC E . 22.17 12.16 3.56
CGC FLC E . 22.91 10.90 3.95
OA1 FLC E . 20.19 14.05 4.36
OA2 FLC E . 18.49 14.32 2.94
OB1 FLC E . 22.20 10.94 1.06
OB2 FLC E . 20.44 9.75 1.59
OG1 FLC E . 24.11 10.97 3.90
OG2 FLC E . 22.33 9.81 4.25
OHB FLC E . 20.18 10.98 3.97
S DMS F . 8.03 10.90 -13.73
O DMS F . 8.10 10.07 -14.95
C1 DMS F . 6.37 11.16 -13.34
C2 DMS F . 8.61 9.96 -12.44
#